data_5N1D
#
_entry.id   5N1D
#
_cell.length_a   58.612
_cell.length_b   73.456
_cell.length_c   108.703
_cell.angle_alpha   90.00
_cell.angle_beta   90.00
_cell.angle_gamma   90.00
#
_symmetry.space_group_name_H-M   'P 21 21 21'
#
loop_
_entity.id
_entity.type
_entity.pdbx_description
1 polymer 'cAMP-dependent protein kinase catalytic subunit alpha'
2 polymer 'cAMP-dependent protein kinase inhibitor alpha-like protein'
3 non-polymer (4S)-2-METHYL-2,4-PENTANEDIOL
4 non-polymer (5-pyridin-3-yloxyfuran-2-yl)methanamine
5 water water
#
loop_
_entity_poly.entity_id
_entity_poly.type
_entity_poly.pdbx_seq_one_letter_code
_entity_poly.pdbx_strand_id
1 'polypeptide(L)'
;GHMGNAAAAKKG(SEP)EQESVKEFLAKAKEEFLKKWESPSQNTAQLDHFDRIKTLGTGSFGRVMLVKHKETGNHYAMKI
LDKQKVVKLKQIEHTLNEKRILQAVNFPFLVKLEFSFKDNSNLYMVMEYVPGGEMFSHLRRIGRFSEPHARFYAAQIVLT
FEYLHSLDLIYRDLKPENLLIDQQGYIQVTDFGFAKRVKGRTW(TPO)LCGTPEYLAPEIILSKGYNKAVDWWALGVLIY
EMAAGYPPFFADQPIQIYEKIVSGKVRFPSHFSSDLKDLLRNLLQVDLTKRFGNLKNGVNDIKNHKWFATTDWIAIYQRK
VEAPFIPKFKGPGDTSNFDDYEEEEIRV(SEP)INEKCGKEFTEF
;
A
2 'polypeptide(L)' TTYADFIASGRTGRRNAIH B
#
loop_
_chem_comp.id
_chem_comp.type
_chem_comp.name
_chem_comp.formula
8FZ non-polymer (5-pyridin-3-yloxyfuran-2-yl)methanamine 'C10 H10 N2 O2'
MPD non-polymer (4S)-2-METHYL-2,4-PENTANEDIOL 'C6 H14 O2'
#
# COMPACT_ATOMS: atom_id res chain seq x y z
N GLY A 1 -25.93 -26.85 4.36
CA GLY A 1 -24.86 -26.08 3.67
C GLY A 1 -23.75 -25.75 4.65
N HIS A 2 -22.86 -24.86 4.27
CA HIS A 2 -21.72 -24.61 5.13
C HIS A 2 -22.11 -23.82 6.35
N MET A 3 -23.08 -22.91 6.23
CA MET A 3 -23.56 -22.11 7.37
C MET A 3 -24.94 -22.55 7.79
N GLY A 4 -25.14 -22.71 9.10
CA GLY A 4 -26.46 -22.85 9.66
C GLY A 4 -27.16 -21.47 9.65
N ASN A 5 -28.40 -21.46 10.14
CA ASN A 5 -29.29 -20.31 9.92
C ASN A 5 -28.76 -19.07 10.63
N ALA A 6 -28.30 -19.21 11.88
CA ALA A 6 -27.84 -18.06 12.64
C ALA A 6 -26.59 -17.46 12.00
N ALA A 7 -25.67 -18.31 11.58
CA ALA A 7 -24.46 -17.78 11.00
C ALA A 7 -24.75 -17.17 9.64
N ALA A 8 -25.66 -17.75 8.84
CA ALA A 8 -25.93 -17.19 7.54
C ALA A 8 -26.58 -15.82 7.69
N ALA A 9 -27.45 -15.70 8.68
CA ALA A 9 -28.10 -14.41 8.93
C ALA A 9 -27.11 -13.37 9.36
N LYS A 10 -26.24 -13.74 10.29
CA LYS A 10 -25.24 -12.81 10.77
C LYS A 10 -24.36 -12.32 9.61
N LYS A 11 -23.94 -13.24 8.76
CA LYS A 11 -23.05 -12.87 7.66
C LYS A 11 -23.78 -12.00 6.65
N GLY A 12 -25.02 -12.32 6.33
CA GLY A 12 -25.74 -11.48 5.39
C GLY A 12 -25.90 -10.04 5.88
N SEP A 13 -26.25 -9.91 7.14
CA SEP A 13 -26.41 -8.57 7.75
CB SEP A 13 -26.93 -8.73 9.20
OG SEP A 13 -26.86 -7.49 9.87
C SEP A 13 -25.09 -7.81 7.72
O SEP A 13 -25.06 -6.61 7.50
P SEP A 13 -28.09 -7.15 10.84
O1P SEP A 13 -28.21 -8.32 11.90
O2P SEP A 13 -27.65 -5.82 11.49
O3P SEP A 13 -29.48 -7.10 10.12
H SEP A 13 -26.39 -10.56 7.67
HA SEP A 13 -27.07 -8.06 7.24
HB2 SEP A 13 -26.38 -9.37 9.66
HB3 SEP A 13 -27.85 -9.02 9.17
N GLU A 14 -24.01 -8.51 8.04
CA GLU A 14 -22.67 -7.89 8.04
C GLU A 14 -22.37 -7.35 6.67
N GLN A 15 -22.63 -8.17 5.65
CA GLN A 15 -22.33 -7.76 4.28
C GLN A 15 -23.18 -6.58 3.86
N GLU A 16 -24.45 -6.54 4.28
CA GLU A 16 -25.25 -5.36 4.00
C GLU A 16 -24.75 -4.13 4.74
N SER A 17 -24.27 -4.29 5.97
CA SER A 17 -23.75 -3.12 6.69
C SER A 17 -22.50 -2.56 6.03
N VAL A 18 -21.68 -3.45 5.48
CA VAL A 18 -20.52 -2.99 4.70
C VAL A 18 -20.99 -2.13 3.54
N LYS A 19 -22.04 -2.55 2.82
CA LYS A 19 -22.55 -1.73 1.72
C LYS A 19 -23.00 -0.37 2.22
N GLU A 20 -23.67 -0.32 3.38
CA GLU A 20 -24.15 0.93 3.92
C GLU A 20 -22.99 1.86 4.29
N PHE A 21 -21.94 1.28 4.89
CA PHE A 21 -20.73 2.03 5.26
C PHE A 21 -20.06 2.62 4.02
N LEU A 22 -19.87 1.80 3.01
CA LEU A 22 -19.17 2.23 1.79
C LEU A 22 -19.93 3.32 1.07
N ALA A 23 -21.27 3.24 1.04
CA ALA A 23 -22.00 4.27 0.37
C ALA A 23 -21.81 5.62 1.03
N LYS A 24 -21.82 5.65 2.37
CA LYS A 24 -21.54 6.87 3.11
C LYS A 24 -20.10 7.36 2.88
N ALA A 25 -19.15 6.42 2.84
CA ALA A 25 -17.76 6.81 2.68
C ALA A 25 -17.53 7.39 1.30
N LYS A 26 -18.19 6.81 0.30
CA LYS A 26 -18.07 7.34 -1.06
CA LYS A 26 -18.05 7.35 -1.06
C LYS A 26 -18.60 8.75 -1.13
N GLU A 27 -19.79 8.99 -0.53
CA GLU A 27 -20.33 10.36 -0.49
C GLU A 27 -19.34 11.32 0.16
N GLU A 28 -18.70 10.91 1.26
CA GLU A 28 -17.78 11.80 1.94
C GLU A 28 -16.53 12.06 1.11
N PHE A 29 -16.00 11.01 0.47
CA PHE A 29 -14.84 11.17 -0.40
C PHE A 29 -15.14 12.14 -1.53
N LEU A 30 -16.28 11.98 -2.17
CA LEU A 30 -16.57 12.78 -3.37
C LEU A 30 -16.75 14.24 -3.00
N LYS A 31 -17.34 14.50 -1.81
CA LYS A 31 -17.47 15.89 -1.35
C LYS A 31 -16.08 16.49 -1.11
N LYS A 32 -15.17 15.74 -0.48
CA LYS A 32 -13.84 16.24 -0.30
C LYS A 32 -13.06 16.34 -1.60
N TRP A 33 -13.30 15.43 -2.54
CA TRP A 33 -12.54 15.46 -3.77
C TRP A 33 -12.86 16.71 -4.59
N GLU A 34 -14.09 17.18 -4.48
CA GLU A 34 -14.56 18.30 -5.28
C GLU A 34 -14.28 19.64 -4.64
N SER A 35 -14.33 19.70 -3.33
CA SER A 35 -14.14 20.94 -2.57
C SER A 35 -13.07 20.67 -1.52
N PRO A 36 -11.82 20.55 -1.95
CA PRO A 36 -10.68 20.40 -1.08
C PRO A 36 -10.31 21.70 -0.35
N ASN A 39 -5.02 22.96 3.80
CA ASN A 39 -4.26 23.15 5.02
C ASN A 39 -2.80 23.44 4.69
N THR A 40 -2.48 24.69 4.47
CA THR A 40 -1.11 24.98 4.11
C THR A 40 -0.29 25.16 5.41
N ALA A 41 0.95 25.50 5.20
CA ALA A 41 1.98 25.67 6.23
C ALA A 41 3.14 26.17 5.41
N GLN A 42 4.30 26.29 6.04
CA GLN A 42 5.49 26.73 5.33
C GLN A 42 6.68 26.03 5.97
N LEU A 43 7.79 26.04 5.24
CA LEU A 43 8.91 25.19 5.65
C LEU A 43 9.43 25.60 7.02
N ASP A 44 9.48 26.91 7.31
CA ASP A 44 10.07 27.34 8.57
C ASP A 44 9.13 27.11 9.78
N HIS A 45 7.97 26.49 9.57
CA HIS A 45 7.15 25.99 10.67
C HIS A 45 7.67 24.69 11.26
N PHE A 46 8.70 24.08 10.66
CA PHE A 46 9.17 22.77 11.11
C PHE A 46 10.69 22.72 11.25
N ASP A 47 11.17 21.99 12.25
CA ASP A 47 12.58 21.59 12.30
C ASP A 47 12.79 20.25 11.60
N ARG A 48 13.83 20.16 10.76
CA ARG A 48 14.14 18.92 10.07
C ARG A 48 15.06 18.05 10.92
N ILE A 49 14.66 16.80 11.14
CA ILE A 49 15.37 15.93 12.09
C ILE A 49 16.24 14.88 11.40
N LYS A 50 15.68 14.11 10.45
CA LYS A 50 16.38 12.95 9.88
C LYS A 50 15.64 12.41 8.66
N THR A 51 16.40 11.94 7.67
CA THR A 51 15.83 11.29 6.48
C THR A 51 15.42 9.87 6.82
N LEU A 52 14.14 9.55 6.57
CA LEU A 52 13.61 8.23 6.87
C LEU A 52 13.61 7.26 5.70
N GLY A 53 13.72 7.77 4.48
CA GLY A 53 13.62 6.98 3.27
C GLY A 53 13.81 7.88 2.06
N THR A 54 14.30 7.34 0.93
CA THR A 54 14.58 8.15 -0.26
C THR A 54 13.95 7.52 -1.51
N GLY A 55 13.77 8.37 -2.53
CA GLY A 55 13.23 7.99 -3.83
C GLY A 55 13.82 8.89 -4.91
N SER A 56 13.38 8.65 -6.16
CA SER A 56 13.84 9.46 -7.28
C SER A 56 13.24 10.86 -7.29
N PHE A 57 12.17 11.08 -6.53
CA PHE A 57 11.46 12.36 -6.47
C PHE A 57 12.15 13.38 -5.56
N GLY A 58 12.76 12.90 -4.47
CA GLY A 58 13.21 13.68 -3.33
C GLY A 58 13.39 12.74 -2.15
N ARG A 59 12.80 13.03 -0.99
CA ARG A 59 13.00 12.16 0.16
C ARG A 59 11.86 12.34 1.17
N VAL A 60 11.81 11.47 2.17
CA VAL A 60 10.89 11.62 3.28
C VAL A 60 11.71 11.89 4.52
N MET A 61 11.37 12.95 5.25
CA MET A 61 12.09 13.33 6.47
C MET A 61 11.19 13.36 7.69
N LEU A 62 11.72 12.94 8.82
CA LEU A 62 11.10 13.28 10.08
C LEU A 62 11.30 14.76 10.36
N VAL A 63 10.23 15.45 10.74
CA VAL A 63 10.25 16.86 11.12
C VAL A 63 9.47 17.00 12.41
N LYS A 64 9.72 18.12 13.11
CA LYS A 64 8.96 18.49 14.30
C LYS A 64 8.35 19.85 14.08
N HIS A 65 7.04 19.93 14.28
CA HIS A 65 6.31 21.16 14.06
C HIS A 65 6.59 22.07 15.25
N LYS A 66 7.09 23.27 14.98
CA LYS A 66 7.67 24.10 16.04
C LYS A 66 6.61 24.55 17.04
N GLU A 67 5.48 25.06 16.55
CA GLU A 67 4.52 25.63 17.49
C GLU A 67 3.92 24.55 18.40
N THR A 68 3.59 23.38 17.84
CA THR A 68 2.91 22.32 18.57
C THR A 68 3.84 21.24 19.14
N GLY A 69 5.09 21.17 18.71
CA GLY A 69 5.97 20.09 19.12
C GLY A 69 5.66 18.72 18.54
N ASN A 70 4.66 18.62 17.67
CA ASN A 70 4.32 17.34 17.07
C ASN A 70 5.32 16.94 15.99
N HIS A 71 5.60 15.65 15.91
CA HIS A 71 6.47 15.09 14.87
C HIS A 71 5.60 14.68 13.69
N TYR A 72 6.13 14.86 12.47
CA TYR A 72 5.45 14.49 11.23
C TYR A 72 6.46 13.91 10.26
N ALA A 73 5.97 13.23 9.22
CA ALA A 73 6.82 12.82 8.14
C ALA A 73 6.58 13.74 6.96
N MET A 74 7.62 14.36 6.46
CA MET A 74 7.52 15.34 5.36
C MET A 74 8.13 14.75 4.11
N LYS A 75 7.28 14.49 3.10
CA LYS A 75 7.79 14.10 1.78
C LYS A 75 8.11 15.35 0.99
N ILE A 76 9.37 15.45 0.57
CA ILE A 76 9.86 16.60 -0.22
C ILE A 76 10.08 16.14 -1.65
N LEU A 77 9.40 16.78 -2.61
CA LEU A 77 9.58 16.49 -4.03
C LEU A 77 10.21 17.68 -4.76
N ASP A 78 11.28 17.40 -5.49
CA ASP A 78 11.97 18.41 -6.28
C ASP A 78 11.22 18.59 -7.59
N LYS A 79 10.66 19.79 -7.77
CA LYS A 79 9.76 20.00 -8.90
C LYS A 79 10.47 19.69 -10.21
N GLN A 80 11.73 20.10 -10.35
CA GLN A 80 12.37 19.86 -11.63
C GLN A 80 12.59 18.38 -11.88
N LYS A 81 12.89 17.61 -10.82
CA LYS A 81 13.07 16.17 -11.03
C LYS A 81 11.75 15.50 -11.35
N VAL A 82 10.67 15.95 -10.72
CA VAL A 82 9.34 15.43 -11.02
C VAL A 82 9.02 15.64 -12.50
N VAL A 83 9.30 16.83 -13.00
CA VAL A 83 9.09 17.10 -14.43
C VAL A 83 9.95 16.16 -15.30
N LYS A 84 11.24 16.03 -14.98
CA LYS A 84 12.11 15.16 -15.76
C LYS A 84 11.69 13.70 -15.71
N LEU A 85 11.15 13.23 -14.58
CA LEU A 85 10.75 11.83 -14.44
C LEU A 85 9.33 11.59 -14.95
N LYS A 86 8.70 12.63 -15.53
CA LYS A 86 7.37 12.54 -16.15
C LYS A 86 6.30 12.19 -15.13
N GLN A 87 6.38 12.79 -13.94
CA GLN A 87 5.51 12.39 -12.84
C GLN A 87 4.69 13.57 -12.29
N ILE A 88 4.43 14.54 -13.15
CA ILE A 88 3.59 15.66 -12.75
C ILE A 88 2.21 15.20 -12.36
N GLU A 89 1.55 14.40 -13.22
CA GLU A 89 0.18 14.00 -12.94
C GLU A 89 0.15 13.09 -11.72
N HIS A 90 1.15 12.22 -11.58
CA HIS A 90 1.19 11.33 -10.42
C HIS A 90 1.28 12.10 -9.12
N THR A 91 2.14 13.15 -9.07
CA THR A 91 2.33 13.92 -7.84
CA THR A 91 2.32 13.87 -7.82
C THR A 91 1.08 14.68 -7.47
N LEU A 92 0.45 15.31 -8.45
CA LEU A 92 -0.77 16.06 -8.19
C LEU A 92 -1.89 15.10 -7.78
N ASN A 93 -1.97 13.93 -8.42
CA ASN A 93 -2.99 12.95 -8.07
C ASN A 93 -2.76 12.42 -6.66
N GLU A 94 -1.52 12.11 -6.30
CA GLU A 94 -1.27 11.57 -4.96
C GLU A 94 -1.78 12.53 -3.90
N LYS A 95 -1.47 13.81 -4.06
CA LYS A 95 -1.93 14.81 -3.10
C LYS A 95 -3.43 14.87 -3.07
N ARG A 96 -4.09 14.88 -4.23
CA ARG A 96 -5.55 14.94 -4.28
C ARG A 96 -6.18 13.73 -3.58
N ILE A 97 -5.63 12.53 -3.80
CA ILE A 97 -6.14 11.33 -3.10
C ILE A 97 -5.95 11.46 -1.61
N LEU A 98 -4.73 11.77 -1.18
CA LEU A 98 -4.46 11.82 0.26
C LEU A 98 -5.35 12.81 0.98
N GLN A 99 -5.69 13.93 0.33
CA GLN A 99 -6.55 14.94 0.93
C GLN A 99 -7.97 14.44 1.13
N ALA A 100 -8.41 13.51 0.29
CA ALA A 100 -9.81 13.19 0.15
C ALA A 100 -10.21 11.90 0.84
N VAL A 101 -9.29 10.96 1.01
CA VAL A 101 -9.60 9.65 1.64
C VAL A 101 -9.61 9.76 3.15
N ASN A 102 -10.25 8.78 3.79
CA ASN A 102 -10.29 8.70 5.26
C ASN A 102 -10.55 7.24 5.62
N PHE A 103 -9.56 6.60 6.20
CA PHE A 103 -9.64 5.19 6.60
C PHE A 103 -8.54 4.90 7.62
N PRO A 104 -8.74 3.96 8.54
CA PRO A 104 -7.79 3.86 9.67
C PRO A 104 -6.43 3.37 9.27
N PHE A 105 -6.31 2.76 8.07
CA PHE A 105 -5.04 2.22 7.61
C PHE A 105 -4.44 3.02 6.47
N LEU A 106 -4.97 4.20 6.20
CA LEU A 106 -4.46 5.14 5.20
C LEU A 106 -3.87 6.36 5.91
N VAL A 107 -2.61 6.68 5.60
CA VAL A 107 -1.96 7.76 6.32
C VAL A 107 -2.70 9.06 6.15
N LYS A 108 -2.67 9.89 7.21
CA LYS A 108 -3.37 11.16 7.22
C LYS A 108 -2.40 12.27 6.82
N LEU A 109 -2.76 12.98 5.75
CA LEU A 109 -2.06 14.19 5.35
C LEU A 109 -2.50 15.35 6.21
N GLU A 110 -1.52 15.99 6.83
CA GLU A 110 -1.85 17.09 7.73
C GLU A 110 -1.64 18.46 7.11
N PHE A 111 -0.62 18.67 6.29
CA PHE A 111 -0.35 19.92 5.63
C PHE A 111 0.25 19.64 4.26
N SER A 112 0.09 20.59 3.36
CA SER A 112 0.87 20.59 2.13
C SER A 112 1.20 22.01 1.69
N PHE A 113 2.31 22.16 0.99
CA PHE A 113 2.72 23.50 0.56
C PHE A 113 3.85 23.34 -0.46
N LYS A 114 4.26 24.46 -1.07
CA LYS A 114 5.30 24.42 -2.09
C LYS A 114 6.10 25.71 -2.02
N ASP A 115 7.32 25.67 -2.54
CA ASP A 115 8.12 26.89 -2.62
C ASP A 115 8.73 26.95 -4.01
N ASN A 116 9.72 27.83 -4.21
CA ASN A 116 10.29 27.95 -5.54
C ASN A 116 10.83 26.63 -6.09
N SER A 117 11.33 25.73 -5.24
CA SER A 117 12.00 24.53 -5.74
C SER A 117 11.23 23.23 -5.55
N ASN A 118 10.45 23.14 -4.48
CA ASN A 118 9.98 21.84 -4.00
C ASN A 118 8.50 21.86 -3.71
N LEU A 119 7.93 20.66 -3.65
CA LEU A 119 6.59 20.41 -3.15
C LEU A 119 6.74 19.67 -1.82
N TYR A 120 5.84 19.95 -0.88
CA TYR A 120 5.93 19.34 0.45
C TYR A 120 4.59 18.73 0.84
N MET A 121 4.63 17.48 1.25
CA MET A 121 3.46 16.81 1.83
C MET A 121 3.83 16.37 3.22
N VAL A 122 3.12 16.90 4.21
CA VAL A 122 3.40 16.61 5.61
C VAL A 122 2.34 15.67 6.14
N MET A 123 2.73 14.48 6.49
CA MET A 123 1.72 13.51 6.95
C MET A 123 2.08 12.99 8.33
N GLU A 124 1.13 12.27 8.94
N GLU A 124 1.17 12.21 8.91
CA GLU A 124 1.41 11.67 10.24
CA GLU A 124 1.46 11.69 10.25
C GLU A 124 2.73 10.89 10.14
C GLU A 124 2.66 10.77 10.23
N TYR A 125 3.53 10.92 11.21
CA TYR A 125 4.72 10.06 11.30
C TYR A 125 4.29 8.69 11.77
N VAL A 126 4.72 7.64 11.06
CA VAL A 126 4.38 6.27 11.39
C VAL A 126 5.65 5.61 11.87
N PRO A 127 5.85 5.45 13.19
CA PRO A 127 7.22 5.26 13.71
C PRO A 127 7.75 3.85 13.69
N GLY A 128 6.94 2.89 13.32
CA GLY A 128 7.28 1.50 13.49
C GLY A 128 8.07 0.94 12.35
N GLY A 129 8.31 1.72 11.29
CA GLY A 129 9.18 1.37 10.16
C GLY A 129 8.43 0.61 9.09
N GLU A 130 9.15 0.16 8.10
N GLU A 130 9.13 0.28 8.00
CA GLU A 130 8.56 -0.51 6.96
CA GLU A 130 8.56 -0.48 6.89
C GLU A 130 8.33 -1.97 7.26
C GLU A 130 8.32 -1.93 7.26
N MET A 131 7.20 -2.50 6.79
CA MET A 131 7.00 -3.95 6.91
C MET A 131 8.20 -4.67 6.31
N PHE A 132 8.69 -4.18 5.17
CA PHE A 132 9.82 -4.77 4.49
C PHE A 132 10.97 -5.13 5.45
N SER A 133 11.41 -4.17 6.29
N SER A 133 11.41 -4.14 6.25
CA SER A 133 12.59 -4.47 7.10
CA SER A 133 12.52 -4.35 7.17
C SER A 133 12.28 -5.43 8.24
C SER A 133 12.24 -5.47 8.16
N HIS A 134 11.06 -5.42 8.77
CA HIS A 134 10.71 -6.41 9.77
C HIS A 134 10.65 -7.79 9.17
N LEU A 135 10.08 -7.90 7.97
CA LEU A 135 9.97 -9.17 7.27
C LEU A 135 11.34 -9.76 6.95
N ARG A 136 12.26 -8.94 6.45
CA ARG A 136 13.61 -9.45 6.14
C ARG A 136 14.34 -9.83 7.43
N ARG A 137 14.15 -9.07 8.49
CA ARG A 137 14.80 -9.32 9.76
CA ARG A 137 14.80 -9.33 9.75
C ARG A 137 14.30 -10.61 10.42
N ILE A 138 12.97 -10.73 10.54
CA ILE A 138 12.39 -11.91 11.21
C ILE A 138 12.49 -13.13 10.32
N GLY A 139 12.48 -12.94 9.01
CA GLY A 139 12.55 -13.98 8.03
C GLY A 139 11.22 -14.16 7.32
N ARG A 140 10.28 -14.68 8.08
CA ARG A 140 8.90 -14.84 7.62
C ARG A 140 7.98 -14.58 8.82
N PHE A 141 6.73 -14.29 8.51
CA PHE A 141 5.69 -14.10 9.50
C PHE A 141 4.89 -15.40 9.60
N SER A 142 4.47 -15.70 10.82
CA SER A 142 3.56 -16.84 10.98
C SER A 142 2.27 -16.59 10.24
N GLU A 143 1.49 -17.66 9.98
CA GLU A 143 0.23 -17.43 9.29
C GLU A 143 -0.70 -16.52 10.08
N PRO A 144 -0.86 -16.65 11.39
CA PRO A 144 -1.67 -15.63 12.09
C PRO A 144 -1.17 -14.21 11.94
N HIS A 145 0.15 -14.01 11.98
CA HIS A 145 0.73 -12.67 11.87
C HIS A 145 0.49 -12.11 10.46
N ALA A 146 0.76 -12.91 9.42
CA ALA A 146 0.45 -12.54 8.06
C ALA A 146 -1.03 -12.24 7.86
N ARG A 147 -1.90 -13.07 8.46
N ARG A 147 -1.89 -13.05 8.47
CA ARG A 147 -3.34 -12.88 8.36
CA ARG A 147 -3.33 -12.84 8.31
C ARG A 147 -3.77 -11.54 8.91
C ARG A 147 -3.78 -11.52 8.92
N PHE A 148 -3.25 -11.15 10.08
CA PHE A 148 -3.60 -9.88 10.70
C PHE A 148 -3.30 -8.74 9.74
N TYR A 149 -2.11 -8.76 9.13
CA TYR A 149 -1.79 -7.71 8.15
C TYR A 149 -2.66 -7.82 6.89
N ALA A 150 -2.86 -9.04 6.39
CA ALA A 150 -3.62 -9.23 5.16
C ALA A 150 -5.06 -8.73 5.30
N ALA A 151 -5.63 -8.89 6.49
CA ALA A 151 -7.00 -8.48 6.74
C ALA A 151 -7.11 -6.97 6.60
N GLN A 152 -6.12 -6.24 7.09
CA GLN A 152 -6.10 -4.80 6.94
C GLN A 152 -6.00 -4.38 5.47
N ILE A 153 -5.20 -5.10 4.65
CA ILE A 153 -5.12 -4.74 3.23
C ILE A 153 -6.44 -5.08 2.54
N VAL A 154 -7.09 -6.21 2.90
CA VAL A 154 -8.38 -6.55 2.32
C VAL A 154 -9.36 -5.42 2.57
N LEU A 155 -9.48 -4.96 3.84
CA LEU A 155 -10.43 -3.89 4.12
C LEU A 155 -10.06 -2.59 3.40
N THR A 156 -8.75 -2.27 3.34
CA THR A 156 -8.32 -1.04 2.71
C THR A 156 -8.62 -1.06 1.23
N PHE A 157 -8.40 -2.20 0.56
CA PHE A 157 -8.77 -2.31 -0.85
C PHE A 157 -10.29 -2.32 -1.04
N GLU A 158 -11.04 -2.93 -0.16
CA GLU A 158 -12.50 -2.84 -0.26
C GLU A 158 -12.95 -1.39 -0.24
N TYR A 159 -12.36 -0.57 0.64
CA TYR A 159 -12.63 0.84 0.70
C TYR A 159 -12.18 1.54 -0.58
N LEU A 160 -10.91 1.37 -0.95
CA LEU A 160 -10.42 2.11 -2.12
C LEU A 160 -11.19 1.73 -3.38
N HIS A 161 -11.46 0.44 -3.59
CA HIS A 161 -12.19 0.03 -4.79
C HIS A 161 -13.58 0.56 -4.81
N SER A 162 -14.17 0.77 -3.62
CA SER A 162 -15.52 1.36 -3.60
C SER A 162 -15.53 2.78 -4.11
N LEU A 163 -14.40 3.48 -4.00
CA LEU A 163 -14.18 4.82 -4.49
C LEU A 163 -13.72 4.82 -5.94
N ASP A 164 -13.66 3.64 -6.58
CA ASP A 164 -13.13 3.42 -7.92
C ASP A 164 -11.64 3.69 -8.01
N LEU A 165 -10.92 3.59 -6.90
CA LEU A 165 -9.49 3.79 -6.92
C LEU A 165 -8.78 2.43 -7.01
N ILE A 166 -7.92 2.27 -7.96
CA ILE A 166 -7.00 1.10 -8.04
C ILE A 166 -5.67 1.55 -7.45
N TYR A 167 -5.05 0.70 -6.64
CA TYR A 167 -3.87 1.11 -5.88
C TYR A 167 -2.58 0.92 -6.68
N ARG A 168 -2.34 -0.29 -7.19
CA ARG A 168 -1.30 -0.65 -8.16
C ARG A 168 0.15 -0.62 -7.64
N ASP A 169 0.44 -0.43 -6.38
N ASP A 169 0.37 -0.40 -6.35
CA ASP A 169 1.84 -0.67 -5.99
CA ASP A 169 1.71 -0.22 -5.77
C ASP A 169 1.92 -1.20 -4.56
C ASP A 169 1.96 -1.18 -4.55
N LEU A 170 1.13 -2.22 -4.30
CA LEU A 170 1.25 -2.98 -3.05
C LEU A 170 2.58 -3.72 -3.00
N LYS A 171 3.25 -3.63 -1.86
CA LYS A 171 4.45 -4.39 -1.54
C LYS A 171 4.84 -4.03 -0.13
N PRO A 172 5.69 -4.83 0.52
CA PRO A 172 6.05 -4.56 1.90
C PRO A 172 6.78 -3.24 2.09
N GLU A 173 7.53 -2.82 1.07
CA GLU A 173 8.19 -1.53 1.10
C GLU A 173 7.25 -0.35 1.28
N ASN A 174 6.00 -0.49 0.86
CA ASN A 174 5.00 0.58 0.91
C ASN A 174 4.04 0.49 2.08
N LEU A 175 4.30 -0.38 3.04
CA LEU A 175 3.46 -0.60 4.19
C LEU A 175 4.23 -0.31 5.45
N LEU A 176 3.74 0.63 6.25
CA LEU A 176 4.41 1.00 7.49
C LEU A 176 3.64 0.41 8.66
N ILE A 177 4.33 0.23 9.80
CA ILE A 177 3.73 -0.32 11.00
C ILE A 177 3.65 0.83 12.00
N ASP A 178 2.48 1.03 12.56
CA ASP A 178 2.30 2.14 13.52
C ASP A 178 2.60 1.69 14.93
N GLN A 179 2.41 2.59 15.89
N GLN A 179 2.40 2.62 15.86
CA GLN A 179 2.81 2.30 17.27
CA GLN A 179 2.75 2.37 17.25
C GLN A 179 1.94 1.24 17.92
C GLN A 179 2.01 1.17 17.81
N GLN A 180 0.76 0.95 17.39
CA GLN A 180 -0.05 -0.14 17.89
C GLN A 180 0.13 -1.43 17.08
N GLY A 181 1.01 -1.43 16.13
CA GLY A 181 1.29 -2.60 15.32
C GLY A 181 0.39 -2.77 14.11
N TYR A 182 -0.43 -1.76 13.80
CA TYR A 182 -1.30 -1.82 12.63
C TYR A 182 -0.62 -1.19 11.42
N ILE A 183 -1.15 -1.46 10.24
CA ILE A 183 -0.59 -1.02 8.99
C ILE A 183 -1.05 0.37 8.62
N GLN A 184 -0.15 1.11 8.01
CA GLN A 184 -0.43 2.39 7.35
C GLN A 184 0.10 2.36 5.92
N VAL A 185 -0.78 2.71 4.97
CA VAL A 185 -0.45 2.89 3.56
C VAL A 185 -0.22 4.38 3.34
N THR A 186 0.94 4.77 2.78
CA THR A 186 1.25 6.21 2.64
C THR A 186 1.44 6.65 1.20
N ASP A 187 1.83 5.75 0.32
CA ASP A 187 2.16 6.10 -1.04
C ASP A 187 0.95 5.90 -1.95
N PHE A 188 0.67 6.86 -2.79
CA PHE A 188 -0.40 6.75 -3.78
C PHE A 188 0.08 7.21 -5.13
N GLY A 189 1.34 6.94 -5.41
CA GLY A 189 1.98 7.49 -6.58
C GLY A 189 1.55 6.86 -7.89
N PHE A 190 0.95 5.68 -7.84
CA PHE A 190 0.41 5.03 -9.03
C PHE A 190 -1.08 4.78 -8.97
N ALA A 191 -1.75 5.25 -7.90
CA ALA A 191 -3.19 5.05 -7.72
C ALA A 191 -3.95 5.84 -8.77
N LYS A 192 -5.07 5.29 -9.26
CA LYS A 192 -5.86 5.95 -10.31
C LYS A 192 -7.35 5.68 -10.09
N ARG A 193 -8.19 6.68 -10.42
CA ARG A 193 -9.64 6.47 -10.48
CA ARG A 193 -9.63 6.44 -10.46
C ARG A 193 -10.02 5.70 -11.75
N VAL A 194 -10.50 4.51 -11.60
CA VAL A 194 -10.77 3.58 -12.70
C VAL A 194 -12.02 2.78 -12.35
N LYS A 195 -13.15 3.22 -12.90
N LYS A 195 -13.25 3.13 -12.76
CA LYS A 195 -14.38 2.45 -12.78
CA LYS A 195 -13.68 3.77 -13.98
C LYS A 195 -14.39 1.32 -13.79
C LYS A 195 -13.33 2.80 -15.12
N GLY A 196 -13.84 1.52 -15.02
CA GLY A 196 -13.72 0.65 -16.16
C GLY A 196 -12.37 -0.04 -16.19
N ARG A 197 -11.60 0.26 -17.21
CA ARG A 197 -10.29 -0.31 -17.39
C ARG A 197 -9.28 0.80 -17.52
N THR A 198 -8.02 0.35 -17.44
CA THR A 198 -6.90 1.26 -17.66
C THR A 198 -5.75 0.45 -18.24
N TRP A 199 -4.75 1.14 -18.76
CA TRP A 199 -3.75 0.46 -19.57
C TRP A 199 -2.27 0.70 -19.23
N TPO A 200 -1.92 1.54 -18.26
CA TPO A 200 -0.52 1.90 -18.11
CB TPO A 200 -0.41 3.10 -17.13
CG2 TPO A 200 1.02 3.61 -17.12
OG1 TPO A 200 -1.21 4.23 -17.60
P TPO A 200 -2.46 4.56 -16.64
O1P TPO A 200 -3.24 3.27 -16.31
O2P TPO A 200 -3.29 5.58 -17.52
O3P TPO A 200 -1.92 5.24 -15.40
C TPO A 200 0.28 0.71 -17.53
O TPO A 200 -0.14 0.10 -16.53
H TPO A 200 -2.46 1.91 -17.70
HA TPO A 200 -0.14 2.14 -18.98
HB TPO A 200 -0.72 2.80 -16.14
HG21 TPO A 200 1.09 4.45 -16.44
HG22 TPO A 200 1.30 3.92 -18.13
HG23 TPO A 200 1.68 2.81 -16.78
N LEU A 201 1.46 0.49 -18.10
CA LEU A 201 2.46 -0.39 -17.48
C LEU A 201 3.05 0.33 -16.24
N CYS A 202 2.69 -0.15 -15.06
CA CYS A 202 3.25 0.40 -13.84
C CYS A 202 3.10 -0.61 -12.71
N GLY A 203 3.94 -0.39 -11.68
CA GLY A 203 3.99 -1.25 -10.53
C GLY A 203 5.39 -1.79 -10.31
N THR A 204 5.56 -2.82 -9.50
CA THR A 204 6.88 -3.39 -9.17
C THR A 204 6.94 -4.82 -9.73
N PRO A 205 8.02 -5.24 -10.38
CA PRO A 205 8.00 -6.50 -11.14
C PRO A 205 7.40 -7.72 -10.44
N GLU A 206 7.84 -8.00 -9.21
CA GLU A 206 7.37 -9.16 -8.47
C GLU A 206 5.88 -9.16 -8.21
N TYR A 207 5.26 -7.97 -8.19
CA TYR A 207 3.88 -7.77 -7.79
C TYR A 207 2.98 -7.50 -9.01
N LEU A 208 3.51 -7.53 -10.23
CA LEU A 208 2.67 -7.27 -11.41
C LEU A 208 1.77 -8.44 -11.77
N ALA A 209 0.51 -8.12 -11.96
CA ALA A 209 -0.44 -9.09 -12.45
C ALA A 209 -0.16 -9.46 -13.90
N PRO A 210 -0.52 -10.68 -14.31
CA PRO A 210 -0.22 -11.09 -15.68
C PRO A 210 -0.81 -10.16 -16.72
N GLU A 211 -2.03 -9.64 -16.50
CA GLU A 211 -2.62 -8.83 -17.56
C GLU A 211 -1.92 -7.50 -17.70
N ILE A 212 -1.18 -7.05 -16.70
CA ILE A 212 -0.38 -5.85 -16.88
C ILE A 212 0.83 -6.17 -17.73
N ILE A 213 1.51 -7.27 -17.40
CA ILE A 213 2.66 -7.73 -18.17
C ILE A 213 2.30 -7.94 -19.63
N LEU A 214 1.11 -8.50 -19.87
CA LEU A 214 0.68 -8.82 -21.23
C LEU A 214 0.01 -7.63 -21.95
N SER A 215 0.15 -6.43 -21.41
CA SER A 215 -0.31 -5.20 -22.07
C SER A 215 -1.78 -5.22 -22.43
N LYS A 216 -2.59 -5.74 -21.53
N LYS A 216 -2.58 -5.74 -21.51
CA LYS A 216 -4.04 -5.69 -21.68
CA LYS A 216 -4.04 -5.68 -21.63
C LYS A 216 -4.63 -4.49 -20.93
C LYS A 216 -4.59 -4.41 -20.98
N GLY A 217 -5.85 -4.14 -21.29
CA GLY A 217 -6.64 -3.24 -20.47
C GLY A 217 -6.98 -4.00 -19.21
N TYR A 218 -6.82 -3.39 -18.07
CA TYR A 218 -7.01 -4.17 -16.87
C TYR A 218 -7.82 -3.36 -15.86
N ASN A 219 -8.17 -3.99 -14.73
CA ASN A 219 -9.05 -3.35 -13.76
C ASN A 219 -8.56 -3.61 -12.34
N LYS A 220 -9.44 -3.33 -11.36
CA LYS A 220 -9.10 -3.44 -9.95
CA LYS A 220 -9.09 -3.44 -9.96
C LYS A 220 -8.63 -4.84 -9.55
N ALA A 221 -8.88 -5.87 -10.38
CA ALA A 221 -8.43 -7.22 -10.04
C ALA A 221 -6.92 -7.32 -9.92
N VAL A 222 -6.18 -6.38 -10.52
CA VAL A 222 -4.72 -6.41 -10.36
C VAL A 222 -4.32 -6.26 -8.89
N ASP A 223 -5.13 -5.55 -8.11
CA ASP A 223 -4.84 -5.34 -6.68
C ASP A 223 -5.07 -6.62 -5.91
N TRP A 224 -6.01 -7.44 -6.33
CA TRP A 224 -6.23 -8.72 -5.64
C TRP A 224 -5.14 -9.73 -5.97
N TRP A 225 -4.62 -9.70 -7.21
CA TRP A 225 -3.42 -10.47 -7.53
C TRP A 225 -2.26 -10.07 -6.61
N ALA A 226 -2.02 -8.76 -6.52
CA ALA A 226 -0.95 -8.24 -5.69
C ALA A 226 -1.12 -8.64 -4.24
N LEU A 227 -2.37 -8.68 -3.74
CA LEU A 227 -2.59 -9.20 -2.39
C LEU A 227 -2.09 -10.63 -2.25
N GLY A 228 -2.40 -11.49 -3.22
CA GLY A 228 -1.82 -12.82 -3.22
C GLY A 228 -0.31 -12.84 -3.08
N VAL A 229 0.36 -12.00 -3.88
CA VAL A 229 1.81 -11.91 -3.83
C VAL A 229 2.26 -11.51 -2.44
N LEU A 230 1.61 -10.51 -1.85
CA LEU A 230 1.96 -10.05 -0.51
C LEU A 230 1.77 -11.10 0.55
N ILE A 231 0.60 -11.76 0.53
CA ILE A 231 0.38 -12.79 1.53
C ILE A 231 1.42 -13.87 1.41
N TYR A 232 1.72 -14.30 0.18
CA TYR A 232 2.76 -15.32 -0.03
C TYR A 232 4.08 -14.83 0.55
N GLU A 233 4.50 -13.62 0.18
CA GLU A 233 5.79 -13.13 0.66
C GLU A 233 5.82 -12.99 2.18
N MET A 234 4.74 -12.49 2.78
CA MET A 234 4.74 -12.40 4.24
C MET A 234 4.88 -13.77 4.90
N ALA A 235 4.22 -14.80 4.35
CA ALA A 235 4.20 -16.10 4.97
C ALA A 235 5.41 -16.97 4.62
N ALA A 236 6.05 -16.72 3.46
CA ALA A 236 7.21 -17.53 3.06
C ALA A 236 8.51 -16.85 3.41
N GLY A 237 8.49 -15.53 3.38
CA GLY A 237 9.70 -14.73 3.50
C GLY A 237 10.29 -14.30 2.17
N TYR A 238 9.76 -14.79 1.06
CA TYR A 238 10.18 -14.48 -0.30
C TYR A 238 8.95 -14.51 -1.18
N PRO A 239 8.96 -13.82 -2.31
CA PRO A 239 7.76 -13.73 -3.13
C PRO A 239 7.60 -14.97 -4.00
N PRO A 240 6.45 -15.15 -4.61
CA PRO A 240 6.23 -16.39 -5.38
C PRO A 240 7.01 -16.44 -6.66
N PHE A 241 7.28 -15.26 -7.26
CA PHE A 241 7.92 -15.15 -8.55
C PHE A 241 9.15 -14.26 -8.43
N PHE A 242 10.30 -14.88 -8.56
CA PHE A 242 11.54 -14.12 -8.52
C PHE A 242 12.53 -14.73 -9.49
N ALA A 243 13.52 -13.90 -9.85
CA ALA A 243 14.59 -14.27 -10.77
C ALA A 243 15.61 -13.12 -10.80
N ASP A 244 16.76 -13.33 -11.46
CA ASP A 244 17.80 -12.30 -11.54
C ASP A 244 17.31 -11.05 -12.29
N GLN A 245 16.55 -11.24 -13.37
CA GLN A 245 16.06 -10.10 -14.14
C GLN A 245 14.55 -10.11 -14.27
N PRO A 246 13.95 -8.91 -14.30
CA PRO A 246 12.50 -8.80 -14.45
C PRO A 246 11.89 -9.65 -15.55
N ILE A 247 12.52 -9.74 -16.72
CA ILE A 247 11.88 -10.46 -17.81
C ILE A 247 11.66 -11.92 -17.42
N GLN A 248 12.61 -12.51 -16.68
CA GLN A 248 12.40 -13.87 -16.20
C GLN A 248 11.31 -13.96 -15.11
N ILE A 249 11.16 -12.93 -14.30
CA ILE A 249 10.04 -12.88 -13.33
C ILE A 249 8.72 -12.93 -14.10
N TYR A 250 8.63 -12.10 -15.15
CA TYR A 250 7.38 -12.01 -15.91
C TYR A 250 7.02 -13.35 -16.53
N GLU A 251 8.03 -14.10 -17.03
CA GLU A 251 7.71 -15.40 -17.61
C GLU A 251 7.10 -16.33 -16.57
N LYS A 252 7.59 -16.26 -15.31
CA LYS A 252 7.01 -17.04 -14.22
C LYS A 252 5.60 -16.58 -13.89
N ILE A 253 5.39 -15.25 -13.82
CA ILE A 253 4.06 -14.75 -13.48
C ILE A 253 3.02 -15.24 -14.49
N VAL A 254 3.30 -15.09 -15.79
CA VAL A 254 2.24 -15.41 -16.77
C VAL A 254 2.04 -16.90 -16.97
N SER A 255 2.94 -17.74 -16.44
CA SER A 255 2.91 -19.18 -16.68
C SER A 255 1.73 -19.93 -16.04
N GLY A 256 1.06 -19.37 -15.05
CA GLY A 256 -0.01 -20.11 -14.41
C GLY A 256 0.47 -21.14 -13.38
N LYS A 257 1.78 -21.19 -13.10
CA LYS A 257 2.38 -22.09 -12.13
C LYS A 257 2.88 -21.30 -10.92
N VAL A 258 2.65 -21.82 -9.73
CA VAL A 258 3.18 -21.27 -8.49
C VAL A 258 3.47 -22.46 -7.57
N ARG A 259 4.59 -22.42 -6.85
CA ARG A 259 4.97 -23.41 -5.87
C ARG A 259 4.97 -22.81 -4.49
N PHE A 260 4.74 -23.67 -3.48
CA PHE A 260 4.53 -23.23 -2.11
C PHE A 260 5.49 -23.95 -1.19
N PRO A 261 5.96 -23.28 -0.14
CA PRO A 261 6.66 -23.98 0.93
C PRO A 261 5.83 -25.06 1.61
N SER A 262 6.52 -26.10 2.08
CA SER A 262 5.85 -27.23 2.71
C SER A 262 5.18 -26.81 4.00
N HIS A 263 5.55 -25.68 4.59
CA HIS A 263 4.91 -25.26 5.81
C HIS A 263 3.62 -24.49 5.59
N PHE A 264 3.30 -24.11 4.35
CA PHE A 264 2.02 -23.45 4.13
C PHE A 264 0.85 -24.41 4.40
N SER A 265 -0.12 -23.91 5.12
CA SER A 265 -1.37 -24.62 5.32
C SER A 265 -2.10 -24.82 4.00
N SER A 266 -2.95 -25.85 3.97
CA SER A 266 -3.74 -26.08 2.79
CA SER A 266 -3.71 -26.04 2.76
C SER A 266 -4.72 -24.94 2.59
N ASP A 267 -5.28 -24.38 3.70
CA ASP A 267 -6.16 -23.24 3.51
C ASP A 267 -5.43 -22.07 2.85
N LEU A 268 -4.21 -21.79 3.30
CA LEU A 268 -3.44 -20.69 2.70
C LEU A 268 -3.19 -20.97 1.21
N LYS A 269 -2.78 -22.18 0.90
CA LYS A 269 -2.51 -22.52 -0.51
C LYS A 269 -3.76 -22.37 -1.38
N ASP A 270 -4.93 -22.72 -0.85
CA ASP A 270 -6.17 -22.60 -1.62
C ASP A 270 -6.50 -21.13 -1.84
N LEU A 271 -6.31 -20.28 -0.83
CA LEU A 271 -6.57 -18.86 -1.00
C LEU A 271 -5.61 -18.29 -2.05
N LEU A 272 -4.34 -18.66 -1.96
CA LEU A 272 -3.37 -18.09 -2.88
C LEU A 272 -3.55 -18.56 -4.30
N ARG A 273 -4.00 -19.81 -4.52
CA ARG A 273 -4.27 -20.25 -5.86
C ARG A 273 -5.44 -19.49 -6.49
N ASN A 274 -6.37 -19.03 -5.68
CA ASN A 274 -7.50 -18.27 -6.13
C ASN A 274 -7.20 -16.77 -6.29
N LEU A 275 -6.20 -16.21 -5.59
CA LEU A 275 -5.76 -14.82 -5.85
C LEU A 275 -4.76 -14.75 -6.97
N LEU A 276 -3.80 -15.69 -6.98
CA LEU A 276 -2.77 -15.79 -8.02
C LEU A 276 -3.27 -16.59 -9.21
N GLN A 277 -4.45 -16.23 -9.66
CA GLN A 277 -5.17 -16.87 -10.77
C GLN A 277 -4.97 -16.04 -12.00
N VAL A 278 -4.32 -16.62 -13.00
N VAL A 278 -4.32 -16.63 -13.02
CA VAL A 278 -4.09 -15.88 -14.24
CA VAL A 278 -4.07 -15.89 -14.23
C VAL A 278 -5.43 -15.58 -14.93
C VAL A 278 -5.36 -15.66 -15.03
N ASP A 279 -6.37 -16.52 -14.88
CA ASP A 279 -7.65 -16.42 -15.59
C ASP A 279 -8.54 -15.43 -14.83
N LEU A 280 -8.70 -14.24 -15.33
CA LEU A 280 -9.59 -13.24 -14.71
C LEU A 280 -10.99 -13.76 -14.43
N THR A 281 -11.50 -14.73 -15.17
CA THR A 281 -12.87 -15.15 -14.87
C THR A 281 -12.94 -16.03 -13.64
N LYS A 282 -11.79 -16.33 -13.00
CA LYS A 282 -11.74 -17.23 -11.90
C LYS A 282 -11.08 -16.54 -10.70
N ARG A 283 -10.56 -15.33 -10.87
CA ARG A 283 -9.79 -14.75 -9.78
C ARG A 283 -10.68 -14.17 -8.68
N PHE A 284 -10.33 -14.54 -7.45
CA PHE A 284 -11.04 -13.99 -6.32
C PHE A 284 -10.85 -12.49 -6.28
N GLY A 285 -11.93 -11.79 -5.89
CA GLY A 285 -12.00 -10.38 -5.95
C GLY A 285 -12.57 -9.89 -7.26
N ASN A 286 -12.65 -10.75 -8.27
CA ASN A 286 -13.14 -10.34 -9.58
C ASN A 286 -14.39 -11.08 -10.00
N LEU A 287 -15.02 -11.81 -9.09
CA LEU A 287 -16.22 -12.59 -9.42
C LEU A 287 -17.47 -11.88 -8.96
N LYS A 288 -18.63 -12.51 -9.26
CA LYS A 288 -19.88 -11.88 -8.87
C LYS A 288 -19.97 -11.57 -7.39
N ASN A 289 -19.42 -12.43 -6.50
N ASN A 289 -19.40 -12.39 -6.52
CA ASN A 289 -19.39 -12.25 -5.05
CA ASN A 289 -19.48 -12.12 -5.09
C ASN A 289 -18.33 -11.23 -4.59
C ASN A 289 -18.33 -11.20 -4.59
N GLY A 290 -17.56 -10.65 -5.50
CA GLY A 290 -16.66 -9.55 -5.14
C GLY A 290 -15.70 -9.89 -4.01
N VAL A 291 -15.53 -8.94 -3.09
N VAL A 291 -15.57 -8.94 -3.07
CA VAL A 291 -14.56 -9.18 -2.04
CA VAL A 291 -14.62 -9.10 -1.97
C VAL A 291 -15.04 -10.21 -1.02
C VAL A 291 -15.05 -10.21 -1.03
N ASN A 292 -16.34 -10.56 -1.02
CA ASN A 292 -16.79 -11.57 -0.08
C ASN A 292 -16.16 -12.95 -0.33
N ASP A 293 -15.76 -13.28 -1.56
CA ASP A 293 -15.06 -14.55 -1.79
C ASP A 293 -13.78 -14.61 -0.97
N ILE A 294 -13.12 -13.45 -0.80
CA ILE A 294 -11.90 -13.38 -0.02
C ILE A 294 -12.24 -13.39 1.46
N LYS A 295 -13.11 -12.50 1.86
CA LYS A 295 -13.39 -12.37 3.29
C LYS A 295 -13.96 -13.60 3.90
N ASN A 296 -14.71 -14.40 3.13
CA ASN A 296 -15.38 -15.58 3.65
C ASN A 296 -14.58 -16.85 3.39
N HIS A 297 -13.34 -16.70 2.87
CA HIS A 297 -12.48 -17.88 2.68
C HIS A 297 -12.09 -18.50 4.00
N LYS A 298 -11.89 -19.84 3.99
CA LYS A 298 -11.51 -20.54 5.20
C LYS A 298 -10.26 -19.94 5.88
N TRP A 299 -9.25 -19.45 5.12
CA TRP A 299 -8.05 -18.93 5.79
C TRP A 299 -8.36 -17.76 6.66
N PHE A 300 -9.45 -17.03 6.36
CA PHE A 300 -9.85 -15.88 7.19
C PHE A 300 -10.98 -16.22 8.17
N ALA A 301 -11.25 -17.51 8.43
CA ALA A 301 -12.38 -17.83 9.28
C ALA A 301 -12.25 -17.28 10.69
N THR A 302 -11.05 -17.12 11.21
CA THR A 302 -10.85 -16.59 12.56
C THR A 302 -10.79 -15.07 12.58
N THR A 303 -10.97 -14.41 11.43
CA THR A 303 -10.82 -12.98 11.36
C THR A 303 -12.15 -12.32 11.71
N ASP A 304 -12.11 -11.43 12.71
CA ASP A 304 -13.26 -10.60 13.05
C ASP A 304 -13.08 -9.25 12.34
N TRP A 305 -13.72 -9.10 11.18
CA TRP A 305 -13.45 -7.97 10.30
C TRP A 305 -13.72 -6.64 10.99
N ILE A 306 -14.81 -6.55 11.76
CA ILE A 306 -15.15 -5.29 12.43
C ILE A 306 -14.13 -4.99 13.49
N ALA A 307 -13.68 -6.00 14.24
CA ALA A 307 -12.68 -5.77 15.26
C ALA A 307 -11.36 -5.30 14.66
N ILE A 308 -10.98 -5.84 13.49
CA ILE A 308 -9.79 -5.31 12.80
C ILE A 308 -9.97 -3.83 12.43
N TYR A 309 -11.08 -3.50 11.84
CA TYR A 309 -11.39 -2.10 11.50
C TYR A 309 -11.35 -1.18 12.71
N GLN A 310 -11.91 -1.60 13.84
CA GLN A 310 -11.92 -0.84 15.08
C GLN A 310 -10.60 -0.83 15.80
N ARG A 311 -9.64 -1.57 15.31
CA ARG A 311 -8.30 -1.67 15.92
C ARG A 311 -8.36 -2.23 17.32
N LYS A 312 -9.28 -3.15 17.51
CA LYS A 312 -9.44 -3.81 18.80
C LYS A 312 -8.79 -5.18 18.90
N VAL A 313 -8.14 -5.66 17.83
CA VAL A 313 -7.40 -6.93 17.89
C VAL A 313 -5.98 -6.69 18.38
N GLU A 314 -5.49 -7.53 19.28
CA GLU A 314 -4.12 -7.37 19.75
C GLU A 314 -3.16 -7.72 18.63
N ALA A 315 -2.27 -6.79 18.34
CA ALA A 315 -1.35 -6.99 17.25
C ALA A 315 -0.34 -8.07 17.59
N PRO A 316 0.17 -8.78 16.59
CA PRO A 316 1.18 -9.83 16.86
C PRO A 316 2.53 -9.29 17.23
N PHE A 317 2.79 -8.04 16.91
CA PHE A 317 4.10 -7.49 16.94
C PHE A 317 3.92 -5.98 17.17
N ILE A 318 4.59 -5.47 18.18
CA ILE A 318 4.54 -4.05 18.52
C ILE A 318 5.96 -3.52 18.34
N PRO A 319 6.23 -2.67 17.37
CA PRO A 319 7.61 -2.24 17.16
C PRO A 319 8.14 -1.50 18.40
N LYS A 320 9.47 -1.52 18.54
CA LYS A 320 10.14 -0.75 19.57
C LYS A 320 9.86 0.73 19.40
N PHE A 321 9.57 1.41 20.50
CA PHE A 321 9.22 2.82 20.50
C PHE A 321 9.78 3.42 21.78
N LYS A 322 10.74 4.33 21.67
CA LYS A 322 11.35 4.94 22.84
C LYS A 322 10.81 6.32 23.11
N GLY A 323 9.96 6.85 22.25
CA GLY A 323 9.41 8.16 22.45
C GLY A 323 9.03 8.78 21.13
N PRO A 324 8.32 9.90 21.20
CA PRO A 324 8.09 10.67 19.99
C PRO A 324 9.44 11.01 19.38
N GLY A 325 9.48 10.98 18.07
CA GLY A 325 10.72 11.29 17.41
C GLY A 325 11.66 10.10 17.25
N ASP A 326 11.37 8.95 17.86
CA ASP A 326 12.25 7.79 17.75
C ASP A 326 12.29 7.37 16.29
N THR A 327 13.50 7.23 15.72
CA THR A 327 13.66 6.79 14.33
C THR A 327 14.38 5.45 14.25
N SER A 328 14.46 4.72 15.35
CA SER A 328 15.28 3.53 15.33
C SER A 328 14.76 2.42 14.42
N ASN A 329 13.49 2.50 13.99
CA ASN A 329 12.93 1.47 13.14
C ASN A 329 13.15 1.78 11.66
N PHE A 330 13.90 2.83 11.35
CA PHE A 330 14.24 3.22 9.99
C PHE A 330 15.75 3.16 9.77
N ASP A 331 16.11 2.87 8.52
N ASP A 331 16.12 2.91 8.53
CA ASP A 331 17.50 2.78 8.15
CA ASP A 331 17.53 2.80 8.30
C ASP A 331 18.09 4.20 8.13
C ASP A 331 18.10 4.20 8.10
N ASP A 332 19.42 4.26 7.97
CA ASP A 332 20.13 5.53 7.89
C ASP A 332 20.38 5.84 6.42
N TYR A 333 20.15 7.10 6.05
CA TYR A 333 20.32 7.57 4.69
C TYR A 333 21.24 8.77 4.74
N GLU A 334 21.94 9.00 3.64
CA GLU A 334 22.78 10.19 3.54
C GLU A 334 21.90 11.43 3.51
N GLU A 335 22.26 12.40 4.33
CA GLU A 335 21.49 13.61 4.56
C GLU A 335 21.93 14.68 3.58
N GLU A 336 20.99 15.21 2.81
CA GLU A 336 21.24 16.29 1.85
C GLU A 336 20.45 17.53 2.26
N GLU A 337 21.03 18.71 2.06
CA GLU A 337 20.36 19.95 2.40
C GLU A 337 19.10 20.15 1.54
N ILE A 338 18.21 21.01 2.05
CA ILE A 338 17.00 21.39 1.32
C ILE A 338 17.21 22.77 0.75
N ARG A 339 17.75 22.85 -0.47
CA ARG A 339 18.06 24.13 -1.08
C ARG A 339 16.82 24.68 -1.78
N VAL A 340 16.53 25.94 -1.52
CA VAL A 340 15.40 26.61 -2.14
C VAL A 340 15.93 27.71 -3.04
N SEP A 341 15.69 27.59 -4.33
CA SEP A 341 16.19 28.53 -5.33
CB SEP A 341 15.96 27.99 -6.74
OG SEP A 341 16.21 28.96 -7.74
C SEP A 341 15.52 29.90 -5.18
O SEP A 341 14.40 29.99 -4.69
P SEP A 341 17.74 28.97 -8.24
O1P SEP A 341 18.41 27.54 -8.49
O2P SEP A 341 17.65 29.68 -9.67
O3P SEP A 341 18.64 29.76 -7.18
H SEP A 341 15.22 26.95 -4.67
HA SEP A 341 17.15 28.65 -5.20
HB2 SEP A 341 15.03 27.69 -6.83
HB3 SEP A 341 16.55 27.23 -6.89
N ILE A 342 16.23 30.96 -5.58
CA ILE A 342 15.65 32.29 -5.54
C ILE A 342 14.71 32.50 -6.71
N ASN A 343 14.75 31.61 -7.68
CA ASN A 343 13.88 31.64 -8.83
C ASN A 343 12.87 30.50 -8.74
N GLU A 344 11.61 30.81 -9.07
CA GLU A 344 10.55 29.80 -9.07
C GLU A 344 10.73 28.83 -10.22
N LYS A 345 10.66 27.54 -9.92
CA LYS A 345 10.77 26.49 -10.92
C LYS A 345 9.41 25.87 -11.18
N CYS A 346 9.09 25.67 -12.45
CA CYS A 346 7.96 24.83 -12.83
C CYS A 346 6.66 25.33 -12.22
N GLY A 347 6.46 26.65 -12.24
CA GLY A 347 5.28 27.20 -11.59
C GLY A 347 3.99 26.74 -12.24
N LYS A 348 3.94 26.78 -13.57
CA LYS A 348 2.72 26.44 -14.29
C LYS A 348 2.37 24.96 -14.12
N GLU A 349 3.38 24.10 -14.17
CA GLU A 349 3.12 22.66 -14.08
C GLU A 349 2.46 22.31 -12.76
N PHE A 350 2.78 23.03 -11.70
CA PHE A 350 2.31 22.63 -10.38
C PHE A 350 1.38 23.66 -9.80
N THR A 351 0.71 24.44 -10.65
N THR A 351 0.70 24.45 -10.64
CA THR A 351 -0.19 25.48 -10.15
CA THR A 351 -0.18 25.49 -10.09
C THR A 351 -1.24 24.92 -9.20
C THR A 351 -1.25 24.93 -9.17
N GLU A 352 -1.75 23.71 -9.46
N GLU A 352 -1.77 23.72 -9.43
CA GLU A 352 -2.84 23.17 -8.66
CA GLU A 352 -2.87 23.22 -8.62
C GLU A 352 -2.39 22.64 -7.31
C GLU A 352 -2.39 22.59 -7.31
N PHE A 353 -1.10 22.44 -7.10
CA PHE A 353 -0.63 21.83 -5.86
C PHE A 353 -0.80 22.81 -4.69
N THR B 1 17.82 -24.85 -1.84
CA THR B 1 16.40 -24.61 -1.45
C THR B 1 15.78 -23.44 -2.22
N THR B 2 14.47 -23.24 -2.07
CA THR B 2 13.86 -22.07 -2.69
C THR B 2 14.36 -20.77 -2.07
N TYR B 3 14.56 -20.75 -0.76
CA TYR B 3 15.20 -19.60 -0.13
C TYR B 3 16.58 -19.32 -0.71
N ALA B 4 17.39 -20.36 -0.89
CA ALA B 4 18.69 -20.12 -1.48
C ALA B 4 18.57 -19.54 -2.87
N ASP B 5 17.59 -20.01 -3.64
CA ASP B 5 17.38 -19.44 -4.97
C ASP B 5 16.99 -17.97 -4.88
N PHE B 6 16.17 -17.62 -3.90
CA PHE B 6 15.82 -16.23 -3.69
C PHE B 6 17.05 -15.38 -3.40
N ILE B 7 17.90 -15.84 -2.51
CA ILE B 7 19.12 -15.09 -2.23
C ILE B 7 19.96 -14.95 -3.50
N ALA B 8 20.00 -16.02 -4.29
CA ALA B 8 20.79 -15.96 -5.52
C ALA B 8 20.25 -14.96 -6.54
N SER B 9 18.95 -14.63 -6.49
CA SER B 9 18.35 -13.70 -7.45
C SER B 9 18.94 -12.30 -7.33
N GLY B 10 19.49 -11.99 -6.18
CA GLY B 10 19.97 -10.66 -5.86
C GLY B 10 18.89 -9.62 -5.64
N ARG B 11 17.63 -10.01 -5.64
CA ARG B 11 16.53 -9.08 -5.44
C ARG B 11 15.94 -9.17 -4.04
N THR B 12 16.86 -9.17 -3.04
CA THR B 12 16.41 -9.26 -1.65
C THR B 12 16.23 -7.93 -0.98
N GLY B 13 16.64 -6.85 -1.60
CA GLY B 13 16.51 -5.51 -1.04
C GLY B 13 15.28 -4.80 -1.52
N ARG B 14 15.17 -3.53 -1.13
CA ARG B 14 14.00 -2.75 -1.49
C ARG B 14 13.92 -2.65 -3.01
N ARG B 15 12.73 -2.90 -3.54
CA ARG B 15 12.52 -3.03 -4.99
C ARG B 15 11.91 -1.75 -5.52
N ASN B 16 12.45 -1.26 -6.63
CA ASN B 16 11.88 -0.10 -7.29
C ASN B 16 10.69 -0.44 -8.16
N ALA B 17 9.79 0.52 -8.28
CA ALA B 17 8.77 0.38 -9.28
C ALA B 17 9.38 0.54 -10.67
N ILE B 18 8.64 0.10 -11.68
CA ILE B 18 9.22 0.14 -13.06
C ILE B 18 9.21 1.59 -13.58
C1 MPD C . -14.84 -2.90 8.34
C2 MPD C . -15.81 -2.04 7.54
O2 MPD C . -16.68 -3.04 6.97
CM MPD C . -16.65 -1.13 8.45
C3 MPD C . -15.20 -1.25 6.36
C4 MPD C . -14.57 -2.15 5.25
O4 MPD C . -15.53 -2.95 4.63
C5 MPD C . -13.86 -1.55 4.07
H11 MPD C . -13.84 -2.81 7.92
H12 MPD C . -15.17 -3.95 8.29
H13 MPD C . -14.85 -2.57 9.38
HO2 MPD C . -16.66 -2.96 5.99
HM1 MPD C . -16.64 -0.12 8.06
HM2 MPD C . -17.68 -1.49 8.47
HM3 MPD C . -16.24 -1.14 9.45
H31 MPD C . -15.97 -0.63 5.92
H32 MPD C . -14.42 -0.58 6.75
H4 MPD C . -13.86 -2.80 5.75
HO4 MPD C . -15.20 -3.87 4.56
H51 MPD C . -14.31 -1.92 3.15
H52 MPD C . -13.94 -0.46 4.10
H53 MPD C . -12.81 -1.83 4.09
C1 MPD D . 13.35 -19.85 4.46
C2 MPD D . 12.89 -19.52 5.88
O2 MPD D . 11.72 -20.38 6.14
CM MPD D . 13.96 -19.85 6.93
C3 MPD D . 12.36 -18.10 6.02
C4 MPD D . 13.25 -16.86 6.04
O4 MPD D . 14.58 -17.02 6.52
C5 MPD D . 13.20 -16.15 4.67
H11 MPD D . 13.20 -18.97 3.82
H12 MPD D . 14.41 -20.11 4.47
H13 MPD D . 12.77 -20.69 4.07
HO2 MPD D . 10.94 -19.81 6.33
HM1 MPD D . 14.11 -18.99 7.57
HM2 MPD D . 13.63 -20.70 7.53
HM3 MPD D . 14.90 -20.11 6.43
H31 MPD D . 11.64 -17.96 5.21
H32 MPD D . 11.77 -18.08 6.94
H4 MPD D . 12.77 -16.17 6.73
HO4 MPD D . 14.84 -16.23 7.06
H51 MPD D . 14.20 -15.91 4.34
H52 MPD D . 12.72 -16.80 3.95
H53 MPD D . 12.61 -15.23 4.77
C4 8FZ E . 10.10 6.36 4.48
C5 8FZ E . 8.95 6.39 5.19
C6 8FZ E . 7.36 7.41 6.69
N1 8FZ E . 5.75 7.96 8.35
C7 8FZ E . 6.55 7.89 5.70
C8 8FZ E . 5.33 8.43 6.05
C9 8FZ E . 4.97 8.45 7.38
C10 8FZ E . 6.93 7.46 8.00
N 8FZ E . 7.20 4.91 1.47
C1 8FZ E . 7.73 4.20 2.63
C2 8FZ E . 8.59 5.11 3.46
O1 8FZ E . 8.01 5.67 4.57
C3 8FZ E . 9.86 5.53 3.36
O 8FZ E . 8.63 6.89 6.42
H7 8FZ E . 11.03 6.87 4.70
H9 8FZ E . 4.67 8.85 5.28
H10 8FZ E . 4.02 8.85 7.71
H11 8FZ E . 7.55 7.06 8.82
H3 8FZ E . 7.92 5.14 0.79
H5 8FZ E . 8.31 3.30 2.41
H4 8FZ E . 6.90 3.86 3.25
H6 8FZ E . 10.59 5.29 2.58
#